data_8CHN
#
_entry.id   8CHN
#
_cell.length_a   42.220
_cell.length_b   54.047
_cell.length_c   56.085
_cell.angle_alpha   90.000
_cell.angle_beta   90.000
_cell.angle_gamma   90.000
#
_symmetry.space_group_name_H-M   'P 21 21 21'
#
loop_
_entity.id
_entity.type
_entity.pdbx_description
1 polymer 'Peptidyl-prolyl cis-trans isomerase FKBP5'
2 non-polymer (1S,5S,6R)-10-[[3,5-bis(chloranyl)phenyl]sulfonimidoyl]-5-ethenyl-3-(pyridin-2-ylmethyl)-3,10-diazabicyclo[4.3.1]decan-2-one
3 water water
#
_entity_poly.entity_id   1
_entity_poly.type   'polypeptide(L)'
_entity_poly.pdbx_seq_one_letter_code
;GAPATVTEQGEDITSKKDRGVLKIVKRVGNGEETPMIGDKVYVHYKGKLSNGKKFDSSHDRNEPFVFSLGKGQVIKAWDI
GVATMKKGEIAHLLIKPEYAYGSAGSLPKIPSNATLFFEIELLDFKGE
;
_entity_poly.pdbx_strand_id   A
#
loop_
_chem_comp.id
_chem_comp.type
_chem_comp.name
_chem_comp.formula
UUI non-polymer (1S,5S,6R)-10-[[3,5-bis(chloranyl)phenyl]sulfonimidoyl]-5-ethenyl-3-(pyridin-2-ylmethyl)-3,10-diazabicyclo[4.3.1]decan-2-one 'C22 H24 Cl2 N4 O2 S'
#
# COMPACT_ATOMS: atom_id res chain seq x y z
N GLY A 1 14.78 -2.00 10.62
CA GLY A 1 14.59 -1.15 9.43
C GLY A 1 13.12 -0.77 9.31
N ALA A 2 12.76 -0.19 8.16
CA ALA A 2 11.41 0.35 8.01
C ALA A 2 10.36 -0.73 8.12
N PRO A 3 10.53 -1.95 7.55
CA PRO A 3 9.50 -2.98 7.71
C PRO A 3 9.25 -3.34 9.18
N ALA A 4 10.33 -3.51 9.93
CA ALA A 4 10.19 -3.83 11.34
C ALA A 4 9.45 -2.71 12.08
N THR A 5 9.80 -1.45 11.75
CA THR A 5 9.19 -0.33 12.42
C THR A 5 7.70 -0.25 12.17
N VAL A 6 7.23 -0.44 10.93
CA VAL A 6 5.79 -0.40 10.71
C VAL A 6 5.10 -1.61 11.31
N THR A 7 5.79 -2.77 11.35
CA THR A 7 5.24 -3.95 12.02
C THR A 7 4.96 -3.64 13.48
N GLU A 8 5.92 -2.97 14.15
CA GLU A 8 5.92 -2.80 15.59
C GLU A 8 5.28 -1.51 16.03
N GLN A 9 5.13 -0.52 15.11
CA GLN A 9 4.71 0.82 15.46
C GLN A 9 3.61 1.33 14.55
N GLY A 10 3.06 0.52 13.64
CA GLY A 10 2.02 0.96 12.73
C GLY A 10 0.61 0.90 13.31
N GLU A 11 -0.30 1.60 12.68
CA GLU A 11 -1.70 1.66 13.10
C GLU A 11 -2.57 0.80 12.17
N ASP A 12 -3.50 0.04 12.77
CA ASP A 12 -4.43 -0.81 12.03
C ASP A 12 -5.46 0.06 11.32
N ILE A 13 -5.54 -0.01 9.98
CA ILE A 13 -6.47 0.78 9.17
C ILE A 13 -7.57 -0.11 8.61
N THR A 14 -7.64 -1.38 9.01
CA THR A 14 -8.71 -2.23 8.50
C THR A 14 -10.05 -1.95 9.16
N SER A 15 -11.13 -2.24 8.42
N SER A 15 -11.13 -2.18 8.43
CA SER A 15 -12.49 -2.16 8.93
CA SER A 15 -12.46 -2.14 9.00
C SER A 15 -12.78 -3.27 9.96
C SER A 15 -12.62 -3.18 10.11
N LYS A 16 -12.11 -4.40 9.83
CA LYS A 16 -12.31 -5.52 10.75
C LYS A 16 -11.47 -5.39 12.01
N LYS A 17 -10.47 -4.49 12.03
N LYS A 17 -10.44 -4.54 11.99
CA LYS A 17 -9.48 -4.38 13.11
CA LYS A 17 -9.63 -4.36 13.17
C LYS A 17 -8.90 -5.75 13.44
C LYS A 17 -8.81 -5.63 13.45
N ASP A 18 -8.35 -6.35 12.39
CA ASP A 18 -7.66 -7.63 12.49
C ASP A 18 -6.16 -7.50 12.25
N ARG A 19 -5.67 -6.26 12.26
CA ARG A 19 -4.29 -5.92 12.07
C ARG A 19 -3.70 -6.41 10.75
N GLY A 20 -4.54 -6.61 9.76
CA GLY A 20 -4.06 -7.10 8.49
C GLY A 20 -3.34 -6.08 7.65
N VAL A 21 -3.60 -4.78 7.89
CA VAL A 21 -2.94 -3.69 7.20
C VAL A 21 -2.59 -2.63 8.25
N LEU A 22 -1.28 -2.41 8.42
CA LEU A 22 -0.77 -1.40 9.36
C LEU A 22 -0.14 -0.30 8.56
N LYS A 23 -0.25 0.93 9.09
CA LYS A 23 0.21 2.12 8.37
C LYS A 23 1.00 3.05 9.28
N ILE A 24 2.04 3.68 8.71
CA ILE A 24 2.69 4.87 9.29
C ILE A 24 2.71 5.93 8.22
N VAL A 25 2.32 7.14 8.59
CA VAL A 25 2.44 8.29 7.70
C VAL A 25 3.85 8.80 7.87
N LYS A 26 4.60 8.83 6.77
N LYS A 26 4.61 8.82 6.76
CA LYS A 26 6.00 9.28 6.71
CA LYS A 26 5.97 9.31 6.74
C LYS A 26 6.06 10.79 6.36
C LYS A 26 6.07 10.79 6.36
N ARG A 27 5.25 11.24 5.40
CA ARG A 27 5.16 12.67 5.06
C ARG A 27 3.71 13.05 4.95
N VAL A 28 3.26 14.06 5.71
CA VAL A 28 1.89 14.53 5.72
C VAL A 28 1.63 15.18 4.36
N GLY A 29 0.50 14.84 3.79
CA GLY A 29 0.09 15.40 2.53
C GLY A 29 -0.76 16.65 2.71
N ASN A 30 -1.48 17.01 1.66
CA ASN A 30 -2.09 18.32 1.53
C ASN A 30 -3.55 18.29 1.98
N GLY A 31 -3.92 19.14 2.94
CA GLY A 31 -5.31 19.32 3.29
C GLY A 31 -5.92 18.08 3.91
N GLU A 32 -7.23 17.88 3.70
CA GLU A 32 -7.97 16.83 4.38
C GLU A 32 -8.51 15.80 3.39
N GLU A 33 -8.50 16.09 2.08
CA GLU A 33 -9.25 15.22 1.16
C GLU A 33 -8.42 13.98 0.80
N THR A 34 -9.10 12.83 0.76
CA THR A 34 -8.54 11.58 0.31
C THR A 34 -9.30 11.21 -0.97
N PRO A 35 -8.73 10.33 -1.83
CA PRO A 35 -9.45 9.97 -3.06
C PRO A 35 -10.74 9.23 -2.78
N MET A 36 -11.61 9.19 -3.76
CA MET A 36 -12.87 8.46 -3.67
C MET A 36 -12.87 7.30 -4.66
N ILE A 37 -13.76 6.39 -4.40
CA ILE A 37 -13.97 5.23 -5.27
C ILE A 37 -14.11 5.66 -6.73
N GLY A 38 -13.30 5.02 -7.58
CA GLY A 38 -13.31 5.31 -9.00
C GLY A 38 -12.29 6.33 -9.43
N ASP A 39 -11.72 7.09 -8.52
CA ASP A 39 -10.70 8.01 -8.92
C ASP A 39 -9.56 7.26 -9.62
N LYS A 40 -8.98 7.97 -10.60
CA LYS A 40 -7.72 7.58 -11.19
C LYS A 40 -6.60 8.09 -10.31
N VAL A 41 -5.94 7.14 -9.65
CA VAL A 41 -4.89 7.45 -8.70
C VAL A 41 -3.54 7.16 -9.31
N TYR A 42 -2.59 8.06 -9.06
CA TYR A 42 -1.25 7.98 -9.56
C TYR A 42 -0.36 7.87 -8.34
N VAL A 43 0.42 6.81 -8.25
CA VAL A 43 1.28 6.62 -7.10
C VAL A 43 2.68 6.26 -7.58
N HIS A 44 3.65 6.53 -6.72
CA HIS A 44 4.95 5.88 -6.79
C HIS A 44 5.07 4.93 -5.59
N TYR A 45 5.77 3.83 -5.77
CA TYR A 45 5.91 2.87 -4.70
C TYR A 45 7.15 2.02 -4.84
N LYS A 46 7.49 1.39 -3.72
CA LYS A 46 8.46 0.32 -3.67
C LYS A 46 7.87 -0.77 -2.78
N GLY A 47 8.08 -2.04 -3.17
CA GLY A 47 7.60 -3.18 -2.41
C GLY A 47 8.78 -4.07 -2.01
N LYS A 48 8.73 -4.58 -0.77
CA LYS A 48 9.71 -5.55 -0.28
C LYS A 48 9.01 -6.75 0.31
N LEU A 49 9.65 -7.90 0.15
CA LEU A 49 9.25 -9.14 0.81
C LEU A 49 9.89 -9.17 2.19
N SER A 50 9.45 -10.16 2.99
N SER A 50 9.40 -10.10 3.02
CA SER A 50 9.93 -10.33 4.36
CA SER A 50 9.91 -10.28 4.37
C SER A 50 11.34 -10.90 4.41
C SER A 50 11.33 -10.84 4.42
N ASN A 51 11.86 -11.34 3.29
CA ASN A 51 13.24 -11.78 3.20
C ASN A 51 14.19 -10.65 2.76
N GLY A 52 13.67 -9.43 2.70
CA GLY A 52 14.45 -8.24 2.39
C GLY A 52 14.50 -7.92 0.88
N LYS A 53 14.00 -8.78 0.00
CA LYS A 53 14.11 -8.51 -1.44
C LYS A 53 13.16 -7.39 -1.82
N LYS A 54 13.66 -6.41 -2.58
CA LYS A 54 12.80 -5.45 -3.25
C LYS A 54 12.21 -6.16 -4.44
N PHE A 55 10.91 -6.41 -4.47
CA PHE A 55 10.33 -7.16 -5.57
C PHE A 55 9.73 -6.24 -6.63
N ASP A 56 9.51 -4.95 -6.36
CA ASP A 56 9.02 -4.06 -7.40
C ASP A 56 9.27 -2.63 -6.98
N SER A 57 9.26 -1.74 -7.97
CA SER A 57 9.44 -0.32 -7.75
C SER A 57 8.99 0.44 -8.99
N SER A 58 8.06 1.38 -8.82
CA SER A 58 7.71 2.25 -9.93
C SER A 58 8.80 3.28 -10.22
N HIS A 59 9.52 3.76 -9.18
CA HIS A 59 10.60 4.69 -9.37
C HIS A 59 11.61 4.14 -10.38
N ASP A 60 11.89 2.85 -10.28
CA ASP A 60 12.88 2.23 -11.13
C ASP A 60 12.43 2.17 -12.58
N ARG A 61 11.12 2.32 -12.83
CA ARG A 61 10.54 2.30 -14.17
C ARG A 61 10.39 3.72 -14.75
N ASN A 62 10.56 4.74 -13.90
CA ASN A 62 10.41 6.12 -14.33
C ASN A 62 8.97 6.42 -14.81
N GLU A 63 8.00 5.81 -14.16
CA GLU A 63 6.61 6.14 -14.44
C GLU A 63 5.80 5.72 -13.24
N PRO A 64 4.74 6.47 -12.92
CA PRO A 64 3.88 6.13 -11.80
C PRO A 64 3.01 4.92 -12.15
N PHE A 65 2.48 4.30 -11.12
CA PHE A 65 1.50 3.26 -11.27
C PHE A 65 0.12 3.90 -11.14
N VAL A 66 -0.77 3.53 -12.03
CA VAL A 66 -2.06 4.20 -12.15
C VAL A 66 -3.12 3.11 -12.02
N PHE A 67 -4.11 3.38 -11.19
CA PHE A 67 -5.22 2.44 -11.06
C PHE A 67 -6.47 3.20 -10.66
N SER A 68 -7.61 2.54 -10.81
CA SER A 68 -8.87 3.12 -10.38
C SER A 68 -9.19 2.63 -8.98
N LEU A 69 -9.31 3.55 -8.03
CA LEU A 69 -9.41 3.22 -6.62
C LEU A 69 -10.70 2.45 -6.33
N GLY A 70 -10.57 1.38 -5.55
CA GLY A 70 -11.69 0.72 -4.96
C GLY A 70 -12.42 -0.21 -5.93
N LYS A 71 -11.81 -0.53 -7.08
CA LYS A 71 -12.42 -1.34 -8.12
C LYS A 71 -11.76 -2.73 -8.18
N GLY A 72 -10.91 -3.07 -7.21
CA GLY A 72 -10.32 -4.40 -7.16
C GLY A 72 -9.30 -4.67 -8.26
N GLN A 73 -8.66 -3.58 -8.75
CA GLN A 73 -7.60 -3.68 -9.74
C GLN A 73 -6.26 -3.98 -9.07
N VAL A 74 -6.24 -3.88 -7.73
CA VAL A 74 -5.03 -4.07 -6.96
C VAL A 74 -5.39 -4.93 -5.75
N ILE A 75 -4.38 -5.35 -5.01
CA ILE A 75 -4.62 -6.09 -3.78
C ILE A 75 -5.49 -5.26 -2.83
N LYS A 76 -6.23 -5.98 -1.98
CA LYS A 76 -7.16 -5.36 -1.06
C LYS A 76 -6.48 -4.26 -0.24
N ALA A 77 -5.30 -4.54 0.30
CA ALA A 77 -4.62 -3.57 1.15
C ALA A 77 -4.34 -2.26 0.43
N TRP A 78 -4.10 -2.27 -0.89
CA TRP A 78 -3.86 -1.05 -1.64
C TRP A 78 -5.16 -0.28 -1.78
N ASP A 79 -6.26 -0.95 -2.12
CA ASP A 79 -7.51 -0.25 -2.18
C ASP A 79 -7.84 0.37 -0.84
N ILE A 80 -7.60 -0.32 0.28
CA ILE A 80 -7.84 0.20 1.61
C ILE A 80 -6.85 1.33 1.96
N GLY A 81 -5.57 1.07 1.72
CA GLY A 81 -4.52 1.97 2.16
C GLY A 81 -4.48 3.28 1.37
N VAL A 82 -4.51 3.20 0.06
CA VAL A 82 -4.44 4.42 -0.74
C VAL A 82 -5.65 5.31 -0.44
N ALA A 83 -6.79 4.69 -0.14
CA ALA A 83 -7.99 5.43 0.18
C ALA A 83 -7.83 6.29 1.45
N THR A 84 -6.84 6.00 2.28
CA THR A 84 -6.59 6.79 3.47
C THR A 84 -5.61 7.96 3.26
N MET A 85 -5.01 8.09 2.08
CA MET A 85 -3.90 9.01 1.87
C MET A 85 -4.38 10.33 1.28
N LYS A 86 -3.66 11.40 1.65
CA LYS A 86 -3.86 12.72 1.08
C LYS A 86 -2.90 12.92 -0.09
N LYS A 87 -3.23 13.84 -0.99
CA LYS A 87 -2.30 14.17 -2.06
C LYS A 87 -0.98 14.62 -1.49
N GLY A 88 0.10 14.02 -2.01
CA GLY A 88 1.43 14.33 -1.56
C GLY A 88 1.89 13.52 -0.35
N GLU A 89 1.02 12.71 0.25
CA GLU A 89 1.43 11.91 1.40
C GLU A 89 2.36 10.79 0.95
N ILE A 90 3.31 10.46 1.83
CA ILE A 90 4.10 9.25 1.75
C ILE A 90 3.78 8.40 2.97
N ALA A 91 3.45 7.14 2.76
CA ALA A 91 3.11 6.24 3.84
C ALA A 91 3.83 4.92 3.66
N HIS A 92 3.96 4.19 4.78
CA HIS A 92 4.40 2.80 4.79
C HIS A 92 3.22 1.95 5.17
N LEU A 93 3.08 0.83 4.45
CA LEU A 93 2.08 -0.18 4.74
C LEU A 93 2.76 -1.52 5.02
N LEU A 94 2.25 -2.26 6.01
CA LEU A 94 2.70 -3.61 6.33
C LEU A 94 1.45 -4.48 6.26
N ILE A 95 1.49 -5.43 5.30
CA ILE A 95 0.29 -6.10 4.83
C ILE A 95 0.42 -7.60 5.02
N LYS A 96 -0.51 -8.19 5.78
CA LYS A 96 -0.58 -9.62 5.93
C LYS A 96 -1.17 -10.25 4.69
N PRO A 97 -0.88 -11.55 4.44
CA PRO A 97 -1.24 -12.15 3.16
C PRO A 97 -2.73 -12.12 2.87
N GLU A 98 -3.58 -12.12 3.90
CA GLU A 98 -5.02 -12.10 3.68
C GLU A 98 -5.48 -10.83 2.97
N TYR A 99 -4.70 -9.77 3.00
CA TYR A 99 -4.99 -8.53 2.31
C TYR A 99 -4.10 -8.32 1.08
N ALA A 100 -3.41 -9.38 0.66
CA ALA A 100 -2.49 -9.31 -0.48
C ALA A 100 -2.73 -10.56 -1.35
N TYR A 101 -1.75 -11.49 -1.45
CA TYR A 101 -1.84 -12.64 -2.36
C TYR A 101 -2.08 -13.97 -1.66
N GLY A 102 -2.29 -13.98 -0.35
CA GLY A 102 -2.79 -15.16 0.32
C GLY A 102 -1.87 -16.38 0.15
N SER A 103 -2.46 -17.60 0.24
CA SER A 103 -1.75 -18.87 0.04
C SER A 103 -1.31 -19.04 -1.41
N ALA A 104 -1.99 -18.42 -2.38
CA ALA A 104 -1.59 -18.58 -3.77
C ALA A 104 -0.23 -17.96 -4.06
N GLY A 105 0.02 -16.80 -3.49
CA GLY A 105 1.14 -15.97 -3.92
C GLY A 105 0.91 -15.46 -5.34
N SER A 106 1.98 -15.03 -6.01
CA SER A 106 1.80 -14.56 -7.37
C SER A 106 3.11 -14.74 -8.10
N LEU A 107 3.11 -15.76 -8.96
CA LEU A 107 4.30 -16.28 -9.61
C LEU A 107 4.75 -15.31 -10.69
N PRO A 108 6.07 -15.07 -10.83
CA PRO A 108 7.10 -15.67 -9.98
C PRO A 108 7.59 -14.94 -8.73
N LYS A 109 7.14 -13.69 -8.50
CA LYS A 109 7.81 -12.78 -7.58
C LYS A 109 7.37 -13.00 -6.11
N ILE A 110 6.08 -13.30 -5.91
CA ILE A 110 5.53 -13.26 -4.55
C ILE A 110 5.33 -14.68 -4.03
N PRO A 111 5.97 -15.09 -2.93
CA PRO A 111 5.78 -16.47 -2.40
C PRO A 111 4.41 -16.61 -1.75
N SER A 112 4.01 -17.86 -1.49
CA SER A 112 2.83 -18.12 -0.67
C SER A 112 2.95 -17.53 0.73
N ASN A 113 1.84 -17.07 1.27
CA ASN A 113 1.78 -16.66 2.65
C ASN A 113 2.75 -15.50 2.95
N ALA A 114 2.85 -14.56 2.00
CA ALA A 114 3.82 -13.49 2.09
C ALA A 114 3.24 -12.22 2.75
N THR A 115 3.91 -11.78 3.80
CA THR A 115 3.66 -10.46 4.37
C THR A 115 4.49 -9.46 3.56
N LEU A 116 3.86 -8.35 3.13
CA LEU A 116 4.48 -7.41 2.22
C LEU A 116 4.65 -6.04 2.90
N PHE A 117 5.73 -5.37 2.52
CA PHE A 117 5.98 -3.99 2.92
C PHE A 117 5.93 -3.10 1.69
N PHE A 118 5.24 -1.96 1.77
CA PHE A 118 5.32 -0.95 0.74
C PHE A 118 5.59 0.43 1.31
N GLU A 119 6.36 1.21 0.55
CA GLU A 119 6.36 2.66 0.68
C GLU A 119 5.57 3.20 -0.51
N ILE A 120 4.58 4.05 -0.26
CA ILE A 120 3.70 4.58 -1.29
C ILE A 120 3.64 6.09 -1.17
N GLU A 121 3.75 6.75 -2.31
CA GLU A 121 3.54 8.19 -2.40
C GLU A 121 2.33 8.43 -3.29
N LEU A 122 1.33 9.15 -2.76
CA LEU A 122 0.16 9.48 -3.57
C LEU A 122 0.46 10.77 -4.33
N LEU A 123 0.60 10.67 -5.66
CA LEU A 123 0.98 11.83 -6.50
C LEU A 123 -0.22 12.69 -6.84
N ASP A 124 -1.32 12.04 -7.20
CA ASP A 124 -2.48 12.76 -7.70
C ASP A 124 -3.66 11.82 -7.72
N PHE A 125 -4.85 12.39 -7.64
CA PHE A 125 -6.07 11.61 -7.81
C PHE A 125 -7.08 12.45 -8.58
N LYS A 126 -7.81 11.84 -9.51
CA LYS A 126 -8.68 12.67 -10.33
C LYS A 126 -9.89 11.87 -10.74
N GLY A 127 -11.00 12.51 -11.09
CA GLY A 127 -12.04 11.81 -11.83
C GLY A 127 -13.07 11.28 -10.85
N GLU A 128 -13.72 10.12 -11.15
CA GLU A 128 -15.02 9.85 -10.57
C GLU A 128 -14.96 10.25 -9.08
CAW UUI B . 4.58 -6.40 -8.20
CAX UUI B . 5.11 -7.33 -9.10
CLBC UUI B . 6.58 -7.06 -9.87
CAY UUI B . 4.43 -8.52 -9.34
CAZ UUI B . 3.21 -8.77 -8.72
CLBB UUI B . 2.36 -10.22 -8.96
CBA UUI B . 2.71 -7.84 -7.83
CAV UUI B . 3.37 -6.65 -7.58
SAU UUI B . 2.67 -5.50 -6.42
NBD UUI B . 2.21 -6.20 -5.26
OBE UUI B . 3.74 -4.45 -6.25
N UUI B . 1.32 -4.87 -7.22
CA UUI B . 0.02 -4.77 -6.47
C UUI B . -1.07 -5.24 -7.30
O UUI B . -2.18 -5.35 -6.75
CB UUI B . -0.20 -3.44 -5.87
CAA UUI B . -0.09 -2.39 -6.97
CAB UUI B . 1.29 -2.48 -7.68
CAC UUI B . 1.57 -3.81 -8.22
CAH UUI B . 0.78 -4.12 -9.49
CAN UUI B . 1.71 -4.14 -10.73
CAO UUI B . 2.45 -2.92 -11.24
CAK UUI B . 0.16 -5.55 -9.45
NAJ UUI B . -1.04 -5.66 -8.60
CAL UUI B . -2.31 -6.19 -9.27
CAM UUI B . -2.09 -7.46 -9.85
NAP UUI B . -1.45 -8.40 -9.11
CAQ UUI B . -1.21 -9.67 -9.69
CAR UUI B . -1.63 -9.97 -10.98
CAS UUI B . -2.31 -9.01 -11.71
CAT UUI B . -2.54 -7.77 -11.14
HAW UUI B . 5.09 -5.48 -8.00
HAY UUI B . 4.85 -9.25 -10.02
HBA UUI B . 1.76 -8.04 -7.33
HBD UUI B . 1.26 -6.29 -5.01
HA UUI B . 0.07 -5.48 -5.64
HB2 UUI B . -1.18 -3.28 -5.57
HB1 UUI B . 0.49 -3.28 -5.07
HAB UUI B . -0.74 -2.52 -7.77
HAA UUI B . -0.05 -1.42 -6.63
HAC UUI B . 2.07 -2.23 -6.96
HAD UUI B . 1.32 -1.76 -8.50
HAE UUI B . 2.63 -3.85 -8.46
HAH UUI B . 0.00 -3.39 -9.65
HAN UUI B . 1.85 -5.08 -11.26
HAO UUI B . 2.31 -1.98 -10.70
HB5 UUI B . 3.07 -3.04 -12.11
HAK UUI B . 0.91 -6.27 -9.12
HB3 UUI B . -0.13 -5.80 -10.46
HAL UUI B . -2.63 -5.50 -10.05
HB4 UUI B . -3.13 -6.28 -8.55
HAQ UUI B . -0.68 -10.43 -9.11
HAR UUI B . -1.45 -10.96 -11.40
HAS UUI B . -2.65 -9.23 -12.72
HAT UUI B . -3.06 -7.00 -11.73
#